data_4IHA
#
_entry.id   4IHA
#
_cell.length_a   48.188
_cell.length_b   88.729
_cell.length_c   118.315
_cell.angle_alpha   90.000
_cell.angle_beta   90.000
_cell.angle_gamma   90.000
#
_symmetry.space_group_name_H-M   'P 21 21 21'
#
loop_
_entity.id
_entity.type
_entity.pdbx_description
1 polymer 'Dwarf 88 esterase'
2 non-polymer (2R,3R)-2,4,4-trihydroxy-3-methylbutanal
3 water water
#
_entity_poly.entity_id   1
_entity_poly.type   'polypeptide(L)'
_entity_poly.pdbx_seq_one_letter_code
;PSGAKLLQILNVRVVGSGERVVVLSHGFGTDQSAWSRVLPYLTRDHRVVLYDLVCAGSVNPDHFDFRRYDNLDAYVDDLL
AILDALRIPRCAFVGHSVSAMIGILASIRRPDLFAKLVLIGASPRFLNDSDYHGGFELEEIQQVFDAMGANYSAWATGYA
PLAVGADVPAAVQEFSRTLFNMRPDISLHVCQTVFKTDLRGVLGMVRAPCVVVQTTRDVSVPASVAAYLKAHLGGRTTVE
FLQTEGHLPHLSAPSLLAQVLRRALARY
;
_entity_poly.pdbx_strand_id   A,B
#
loop_
_chem_comp.id
_chem_comp.type
_chem_comp.name
_chem_comp.formula
OPL non-polymer (2R,3R)-2,4,4-trihydroxy-3-methylbutanal 'C5 H10 O4'
#
# COMPACT_ATOMS: atom_id res chain seq x y z
N PRO A 1 1.89 -7.25 -19.58
CA PRO A 1 3.30 -7.23 -19.99
C PRO A 1 4.06 -8.53 -19.76
N SER A 2 3.47 -9.51 -19.07
CA SER A 2 4.27 -10.68 -18.76
C SER A 2 3.58 -12.00 -18.51
N GLY A 3 4.45 -13.00 -18.47
CA GLY A 3 4.23 -14.24 -17.75
C GLY A 3 4.92 -14.03 -16.42
N ALA A 4 6.22 -14.31 -16.36
CA ALA A 4 6.96 -14.34 -15.09
C ALA A 4 6.84 -13.05 -14.26
N LYS A 5 7.02 -11.90 -14.91
CA LYS A 5 6.94 -10.62 -14.23
C LYS A 5 5.54 -10.44 -13.63
N LEU A 6 4.51 -10.70 -14.42
CA LEU A 6 3.13 -10.49 -13.99
C LEU A 6 2.82 -11.45 -12.85
N LEU A 7 3.35 -12.67 -12.93
CA LEU A 7 3.13 -13.65 -11.86
C LEU A 7 3.69 -13.14 -10.53
N GLN A 8 4.82 -12.45 -10.60
CA GLN A 8 5.38 -11.88 -9.40
C GLN A 8 4.62 -10.63 -8.95
N ILE A 9 4.32 -9.75 -9.89
CA ILE A 9 3.72 -8.45 -9.55
C ILE A 9 2.36 -8.61 -8.85
N LEU A 10 1.59 -9.58 -9.33
CA LEU A 10 0.25 -9.83 -8.80
C LEU A 10 0.25 -10.97 -7.79
N ASN A 11 1.40 -11.34 -7.25
CA ASN A 11 1.47 -12.30 -6.12
C ASN A 11 0.77 -13.65 -6.42
N VAL A 12 1.01 -14.17 -7.60
CA VAL A 12 0.35 -15.40 -8.02
C VAL A 12 0.87 -16.59 -7.22
N ARG A 13 -0.07 -17.36 -6.65
CA ARG A 13 0.22 -18.59 -5.89
C ARG A 13 -0.62 -19.73 -6.40
N VAL A 14 0.01 -20.90 -6.53
CA VAL A 14 -0.69 -22.10 -6.94
C VAL A 14 -0.50 -23.10 -5.81
N VAL A 15 -1.61 -23.53 -5.22
CA VAL A 15 -1.58 -24.48 -4.12
C VAL A 15 -2.54 -25.63 -4.36
N GLY A 16 -2.39 -26.70 -3.60
CA GLY A 16 -3.23 -27.88 -3.81
C GLY A 16 -2.83 -28.68 -5.05
N SER A 17 -3.69 -29.59 -5.48
CA SER A 17 -3.44 -30.35 -6.70
C SER A 17 -4.71 -31.01 -7.17
N GLY A 18 -4.80 -31.25 -8.47
CA GLY A 18 -5.94 -31.94 -9.04
C GLY A 18 -6.10 -31.62 -10.50
N GLU A 19 -6.92 -32.43 -11.16
CA GLU A 19 -7.28 -32.13 -12.55
C GLU A 19 -8.24 -30.93 -12.62
N ARG A 20 -8.95 -30.69 -11.52
CA ARG A 20 -9.89 -29.59 -11.46
C ARG A 20 -9.15 -28.35 -10.93
N VAL A 21 -8.94 -27.40 -11.82
CA VAL A 21 -8.29 -26.13 -11.47
C VAL A 21 -9.32 -25.08 -11.12
N VAL A 22 -9.06 -24.35 -10.02
CA VAL A 22 -9.99 -23.33 -9.56
C VAL A 22 -9.22 -22.06 -9.31
N VAL A 23 -9.71 -20.94 -9.85
CA VAL A 23 -9.12 -19.66 -9.63
C VAL A 23 -9.99 -18.88 -8.63
N LEU A 24 -9.34 -18.33 -7.62
CA LEU A 24 -10.02 -17.51 -6.63
C LEU A 24 -9.60 -16.07 -6.79
N SER A 25 -10.58 -15.21 -7.07
CA SER A 25 -10.32 -13.81 -7.41
C SER A 25 -11.09 -12.89 -6.46
N HIS A 26 -10.34 -12.11 -5.68
CA HIS A 26 -10.92 -11.30 -4.58
C HIS A 26 -11.57 -10.01 -5.07
N GLY A 27 -12.30 -9.37 -4.18
CA GLY A 27 -13.01 -8.14 -4.48
C GLY A 27 -12.35 -6.88 -3.97
N PHE A 28 -13.08 -5.78 -4.07
CA PHE A 28 -12.61 -4.49 -3.56
C PHE A 28 -12.30 -4.54 -2.08
N GLY A 29 -11.14 -3.98 -1.73
CA GLY A 29 -10.85 -3.75 -0.32
C GLY A 29 -10.17 -4.88 0.37
N THR A 30 -9.96 -5.98 -0.36
CA THR A 30 -9.29 -7.16 0.15
C THR A 30 -8.11 -7.54 -0.76
N ASP A 31 -7.44 -8.65 -0.42
CA ASP A 31 -6.49 -9.29 -1.30
C ASP A 31 -6.73 -10.79 -1.22
N GLN A 32 -5.80 -11.59 -1.75
CA GLN A 32 -6.01 -13.03 -1.76
C GLN A 32 -6.10 -13.63 -0.37
N SER A 33 -5.55 -12.95 0.63
CA SER A 33 -5.68 -13.44 2.00
C SER A 33 -7.12 -13.61 2.47
N ALA A 34 -8.07 -12.94 1.80
CA ALA A 34 -9.50 -13.10 2.13
C ALA A 34 -9.99 -14.52 1.97
N TRP A 35 -9.28 -15.29 1.15
CA TRP A 35 -9.67 -16.67 0.91
C TRP A 35 -9.07 -17.66 1.92
N SER A 36 -8.25 -17.19 2.86
CA SER A 36 -7.48 -18.09 3.72
C SER A 36 -8.32 -19.10 4.50
N ARG A 37 -9.52 -18.72 4.93
CA ARG A 37 -10.32 -19.64 5.72
C ARG A 37 -11.05 -20.66 4.86
N VAL A 38 -11.34 -20.35 3.61
CA VAL A 38 -12.03 -21.32 2.78
C VAL A 38 -11.03 -22.21 2.04
N LEU A 39 -9.80 -21.73 1.86
CA LEU A 39 -8.80 -22.43 1.08
C LEU A 39 -8.55 -23.88 1.49
N PRO A 40 -8.45 -24.17 2.81
CA PRO A 40 -8.19 -25.57 3.21
C PRO A 40 -9.31 -26.52 2.83
N TYR A 41 -10.49 -26.01 2.55
CA TYR A 41 -11.58 -26.88 2.10
C TYR A 41 -11.46 -27.26 0.61
N LEU A 42 -10.56 -26.61 -0.12
CA LEU A 42 -10.45 -26.85 -1.55
C LEU A 42 -9.14 -27.49 -2.00
N THR A 43 -8.09 -27.43 -1.19
CA THR A 43 -6.77 -27.80 -1.69
C THR A 43 -6.54 -29.33 -1.72
N ARG A 44 -7.33 -30.11 -1.03
CA ARG A 44 -7.19 -31.59 -1.17
C ARG A 44 -7.63 -32.02 -2.57
N ASP A 45 -8.65 -31.37 -3.11
CA ASP A 45 -9.36 -31.85 -4.30
C ASP A 45 -9.06 -31.05 -5.56
N HIS A 46 -8.47 -29.87 -5.38
CA HIS A 46 -8.32 -28.93 -6.50
C HIS A 46 -6.94 -28.32 -6.51
N ARG A 47 -6.47 -27.94 -7.70
CA ARG A 47 -5.34 -27.07 -7.85
C ARG A 47 -5.89 -25.64 -7.82
N VAL A 48 -5.48 -24.88 -6.83
CA VAL A 48 -6.07 -23.53 -6.64
C VAL A 48 -5.07 -22.48 -7.02
N VAL A 49 -5.54 -21.54 -7.87
CA VAL A 49 -4.75 -20.42 -8.27
C VAL A 49 -5.27 -19.19 -7.57
N LEU A 50 -4.40 -18.53 -6.85
CA LEU A 50 -4.75 -17.26 -6.18
C LEU A 50 -3.88 -16.13 -6.71
N TYR A 51 -4.45 -14.93 -6.73
CA TYR A 51 -3.69 -13.77 -7.17
C TYR A 51 -4.34 -12.52 -6.61
N ASP A 52 -3.57 -11.43 -6.61
CA ASP A 52 -4.07 -10.14 -6.19
C ASP A 52 -4.41 -9.28 -7.43
N LEU A 53 -5.57 -8.62 -7.39
CA LEU A 53 -5.88 -7.57 -8.36
C LEU A 53 -4.82 -6.50 -8.25
N VAL A 54 -4.57 -5.80 -9.35
CA VAL A 54 -3.57 -4.76 -9.36
C VAL A 54 -3.83 -3.64 -8.32
N CYS A 55 -5.11 -3.43 -7.99
CA CYS A 55 -5.49 -2.42 -7.01
C CYS A 55 -5.34 -2.85 -5.54
N ALA A 56 -5.01 -4.12 -5.27
CA ALA A 56 -4.88 -4.60 -3.89
C ALA A 56 -3.76 -3.87 -3.16
N GLY A 57 -3.94 -3.62 -1.86
CA GLY A 57 -2.88 -2.98 -1.06
C GLY A 57 -1.61 -3.78 -0.93
N SER A 58 -1.70 -5.09 -1.20
CA SER A 58 -0.57 -6.00 -1.16
C SER A 58 0.26 -5.98 -2.45
N VAL A 59 -0.19 -5.26 -3.46
CA VAL A 59 0.55 -5.06 -4.69
C VAL A 59 1.20 -3.67 -4.62
N ASN A 60 2.39 -3.55 -5.16
CA ASN A 60 3.06 -2.25 -5.15
C ASN A 60 2.22 -1.24 -5.92
N PRO A 61 1.79 -0.16 -5.27
CA PRO A 61 0.87 0.76 -5.95
C PRO A 61 1.44 1.47 -7.16
N ASP A 62 2.74 1.45 -7.31
CA ASP A 62 3.34 2.11 -8.45
C ASP A 62 3.16 1.29 -9.73
N HIS A 63 2.59 0.08 -9.65
CA HIS A 63 2.11 -0.65 -10.84
C HIS A 63 0.74 -0.20 -11.35
N PHE A 64 0.00 0.54 -10.53
CA PHE A 64 -1.34 0.90 -10.92
C PHE A 64 -1.34 2.07 -11.91
N ASP A 65 -1.63 1.74 -13.15
CA ASP A 65 -1.71 2.70 -14.24
C ASP A 65 -3.14 3.19 -14.40
N PHE A 66 -3.38 4.42 -13.95
CA PHE A 66 -4.73 4.95 -13.87
C PHE A 66 -5.40 4.98 -15.21
N ARG A 67 -4.61 5.20 -16.26
CA ARG A 67 -5.16 5.24 -17.59
C ARG A 67 -5.64 3.85 -18.00
N ARG A 68 -4.75 2.88 -17.87
CA ARG A 68 -5.02 1.53 -18.31
C ARG A 68 -6.23 0.93 -17.61
N TYR A 69 -6.29 1.08 -16.30
CA TYR A 69 -7.33 0.44 -15.49
C TYR A 69 -8.62 1.26 -15.28
N ASP A 70 -8.96 2.11 -16.24
CA ASP A 70 -10.18 2.88 -16.12
C ASP A 70 -11.34 2.10 -16.72
N ASN A 71 -11.13 0.83 -17.04
CA ASN A 71 -12.20 -0.07 -17.39
C ASN A 71 -11.84 -1.47 -16.97
N LEU A 72 -12.85 -2.31 -16.82
CA LEU A 72 -12.60 -3.64 -16.30
C LEU A 72 -11.91 -4.53 -17.27
N ASP A 73 -11.96 -4.19 -18.58
CA ASP A 73 -11.25 -5.02 -19.57
C ASP A 73 -9.77 -5.15 -19.25
N ALA A 74 -9.17 -4.13 -18.66
CA ALA A 74 -7.76 -4.18 -18.31
C ALA A 74 -7.48 -5.22 -17.23
N TYR A 75 -8.42 -5.34 -16.31
CA TYR A 75 -8.31 -6.36 -15.25
C TYR A 75 -8.48 -7.75 -15.84
N VAL A 76 -9.38 -7.90 -16.80
CA VAL A 76 -9.57 -9.16 -17.51
C VAL A 76 -8.28 -9.55 -18.22
N ASP A 77 -7.65 -8.57 -18.85
CA ASP A 77 -6.37 -8.85 -19.52
C ASP A 77 -5.35 -9.46 -18.57
N ASP A 78 -5.23 -8.92 -17.36
CA ASP A 78 -4.33 -9.49 -16.35
C ASP A 78 -4.68 -10.93 -16.03
N LEU A 79 -5.95 -11.19 -15.75
CA LEU A 79 -6.40 -12.53 -15.41
C LEU A 79 -6.04 -13.53 -16.53
N LEU A 80 -6.34 -13.14 -17.77
CA LEU A 80 -6.07 -14.04 -18.89
C LEU A 80 -4.59 -14.23 -19.10
N ALA A 81 -3.80 -13.21 -18.85
CA ALA A 81 -2.33 -13.29 -18.95
C ALA A 81 -1.77 -14.25 -17.92
N ILE A 82 -2.34 -14.23 -16.71
CA ILE A 82 -1.89 -15.14 -15.68
C ILE A 82 -2.17 -16.58 -16.04
N LEU A 83 -3.38 -16.85 -16.48
CA LEU A 83 -3.78 -18.21 -16.80
C LEU A 83 -2.98 -18.73 -17.98
N ASP A 84 -2.73 -17.85 -18.94
CA ASP A 84 -1.91 -18.24 -20.12
C ASP A 84 -0.47 -18.51 -19.70
N ALA A 85 0.08 -17.66 -18.82
CA ALA A 85 1.44 -17.86 -18.29
C ALA A 85 1.60 -19.17 -17.51
N LEU A 86 0.56 -19.59 -16.79
CA LEU A 86 0.54 -20.88 -16.08
C LEU A 86 0.19 -22.09 -16.94
N ARG A 87 -0.07 -21.86 -18.23
CA ARG A 87 -0.48 -22.88 -19.20
C ARG A 87 -1.73 -23.65 -18.78
N ILE A 88 -2.70 -22.92 -18.22
CA ILE A 88 -3.96 -23.54 -17.83
C ILE A 88 -4.97 -23.41 -18.97
N PRO A 89 -5.42 -24.53 -19.52
CA PRO A 89 -6.38 -24.45 -20.62
C PRO A 89 -7.84 -24.41 -20.19
N ARG A 90 -8.14 -24.79 -18.95
CA ARG A 90 -9.52 -24.93 -18.50
C ARG A 90 -9.57 -24.80 -16.99
N CYS A 91 -10.55 -24.04 -16.48
CA CYS A 91 -10.65 -23.85 -15.02
C CYS A 91 -12.04 -23.42 -14.62
N ALA A 92 -12.31 -23.52 -13.32
CA ALA A 92 -13.45 -22.87 -12.71
C ALA A 92 -12.94 -21.59 -12.08
N PHE A 93 -13.82 -20.60 -12.04
CA PHE A 93 -13.45 -19.30 -11.54
C PHE A 93 -14.46 -18.83 -10.49
N VAL A 94 -13.93 -18.49 -9.32
CA VAL A 94 -14.72 -17.99 -8.20
C VAL A 94 -14.32 -16.52 -8.04
N GLY A 95 -15.29 -15.64 -8.24
CA GLY A 95 -15.01 -14.21 -8.13
C GLY A 95 -15.95 -13.53 -7.16
N HIS A 96 -15.35 -12.67 -6.36
CA HIS A 96 -16.11 -11.87 -5.42
C HIS A 96 -16.21 -10.44 -5.93
N SER A 97 -17.49 -9.93 -5.90
CA SER A 97 -17.82 -8.54 -6.14
C SER A 97 -17.32 -8.05 -7.46
N VAL A 98 -16.20 -7.12 -7.54
CA VAL A 98 -15.65 -6.63 -8.86
C VAL A 98 -15.09 -7.83 -9.60
N SER A 99 -14.57 -8.82 -8.89
CA SER A 99 -14.04 -9.99 -9.60
C SER A 99 -15.12 -10.86 -10.21
N ALA A 100 -16.35 -10.80 -9.68
CA ALA A 100 -17.47 -11.48 -10.40
C ALA A 100 -17.70 -10.81 -11.74
N MET A 101 -17.61 -9.50 -11.81
CA MET A 101 -17.71 -8.75 -13.05
C MET A 101 -16.56 -9.14 -14.00
N ILE A 102 -15.36 -9.19 -13.47
CA ILE A 102 -14.20 -9.58 -14.24
C ILE A 102 -14.38 -10.99 -14.81
N GLY A 103 -14.88 -11.90 -13.98
CA GLY A 103 -15.15 -13.31 -14.39
C GLY A 103 -16.14 -13.41 -15.53
N ILE A 104 -17.23 -12.67 -15.44
CA ILE A 104 -18.22 -12.62 -16.49
C ILE A 104 -17.53 -12.19 -17.79
N LEU A 105 -16.79 -11.07 -17.76
CA LEU A 105 -16.14 -10.59 -18.97
C LEU A 105 -15.14 -11.57 -19.54
N ALA A 106 -14.39 -12.19 -18.65
CA ALA A 106 -13.33 -13.10 -19.06
C ALA A 106 -13.95 -14.34 -19.67
N SER A 107 -15.07 -14.82 -19.16
CA SER A 107 -15.74 -16.03 -19.65
C SER A 107 -16.32 -15.79 -21.09
N ILE A 108 -16.61 -14.54 -21.39
CA ILE A 108 -17.09 -14.15 -22.74
C ILE A 108 -15.90 -14.04 -23.71
N ARG A 109 -14.79 -13.43 -23.29
CA ARG A 109 -13.59 -13.30 -24.12
C ARG A 109 -13.00 -14.67 -24.45
N ARG A 110 -13.05 -15.58 -23.48
CA ARG A 110 -12.41 -16.90 -23.62
C ARG A 110 -13.26 -18.02 -23.09
N PRO A 111 -14.33 -18.38 -23.80
CA PRO A 111 -15.25 -19.41 -23.34
C PRO A 111 -14.62 -20.80 -23.22
N ASP A 112 -13.55 -21.03 -23.96
CA ASP A 112 -12.79 -22.27 -23.90
C ASP A 112 -12.11 -22.44 -22.53
N LEU A 113 -11.82 -21.35 -21.87
CA LEU A 113 -11.00 -21.40 -20.66
C LEU A 113 -11.83 -21.56 -19.39
N PHE A 114 -13.06 -21.06 -19.41
CA PHE A 114 -13.88 -20.98 -18.20
C PHE A 114 -14.99 -21.99 -18.23
N ALA A 115 -14.78 -23.07 -17.49
CA ALA A 115 -15.71 -24.19 -17.47
C ALA A 115 -16.89 -23.94 -16.55
N LYS A 116 -16.70 -23.07 -15.55
CA LYS A 116 -17.76 -22.78 -14.57
C LYS A 116 -17.42 -21.48 -13.83
N LEU A 117 -18.46 -20.74 -13.50
CA LEU A 117 -18.30 -19.49 -12.76
C LEU A 117 -19.05 -19.62 -11.44
N VAL A 118 -18.42 -19.16 -10.37
CA VAL A 118 -19.07 -19.01 -9.07
C VAL A 118 -18.94 -17.51 -8.71
N LEU A 119 -20.08 -16.86 -8.58
CA LEU A 119 -20.14 -15.40 -8.41
C LEU A 119 -20.69 -15.08 -7.05
N ILE A 120 -19.90 -14.39 -6.22
CA ILE A 120 -20.22 -14.02 -4.85
C ILE A 120 -20.34 -12.50 -4.74
N GLY A 121 -21.45 -12.01 -4.18
CA GLY A 121 -21.62 -10.59 -4.05
C GLY A 121 -21.64 -9.88 -5.38
N ALA A 122 -22.30 -10.51 -6.34
CA ALA A 122 -22.22 -10.08 -7.73
C ALA A 122 -23.37 -9.22 -8.20
N SER A 123 -23.02 -8.24 -9.03
CA SER A 123 -24.03 -7.41 -9.70
C SER A 123 -23.54 -7.01 -11.07
N PRO A 124 -24.46 -6.92 -12.06
CA PRO A 124 -24.06 -6.42 -13.37
C PRO A 124 -24.06 -4.90 -13.49
N ARG A 125 -24.65 -4.23 -12.50
CA ARG A 125 -24.81 -2.76 -12.51
C ARG A 125 -25.35 -2.29 -11.16
N PHE A 126 -24.61 -1.38 -10.54
CA PHE A 126 -24.98 -0.88 -9.20
C PHE A 126 -25.95 0.27 -9.22
N LEU A 127 -25.88 1.10 -10.25
CA LEU A 127 -26.79 2.23 -10.35
C LEU A 127 -28.20 1.81 -10.79
N ASN A 128 -29.21 2.43 -10.21
CA ASN A 128 -30.56 2.25 -10.70
C ASN A 128 -30.73 2.78 -12.12
N ASP A 129 -31.71 2.22 -12.81
CA ASP A 129 -32.07 2.64 -14.16
C ASP A 129 -33.60 2.58 -14.22
N SER A 130 -34.16 2.87 -15.41
CA SER A 130 -35.61 2.99 -15.58
C SER A 130 -36.41 1.84 -15.01
N ASP A 131 -36.09 0.62 -15.44
CA ASP A 131 -36.81 -0.54 -14.94
C ASP A 131 -35.82 -1.50 -14.31
N TYR A 132 -34.80 -0.94 -13.66
CA TYR A 132 -33.74 -1.76 -13.08
C TYR A 132 -33.34 -1.22 -11.72
N HIS A 133 -33.38 -2.08 -10.71
CA HIS A 133 -32.96 -1.72 -9.37
C HIS A 133 -31.56 -2.25 -9.07
N GLY A 134 -30.56 -1.37 -9.13
CA GLY A 134 -29.19 -1.73 -8.80
C GLY A 134 -28.88 -1.56 -7.33
N GLY A 135 -29.57 -0.62 -6.71
CA GLY A 135 -29.44 -0.33 -5.29
C GLY A 135 -28.87 1.06 -4.98
N PHE A 136 -28.38 1.77 -5.98
CA PHE A 136 -27.72 3.04 -5.78
C PHE A 136 -28.22 4.13 -6.69
N GLU A 137 -28.22 5.37 -6.15
CA GLU A 137 -28.52 6.57 -6.95
C GLU A 137 -27.27 7.39 -7.21
N LEU A 138 -27.29 8.19 -8.26
CA LEU A 138 -26.13 8.97 -8.63
C LEU A 138 -25.66 9.89 -7.50
N GLU A 139 -26.59 10.59 -6.85
CA GLU A 139 -26.23 11.58 -5.84
C GLU A 139 -25.61 10.89 -4.62
N GLU A 140 -26.08 9.70 -4.34
CA GLU A 140 -25.57 8.92 -3.23
C GLU A 140 -24.09 8.56 -3.45
N ILE A 141 -23.79 7.98 -4.59
CA ILE A 141 -22.41 7.64 -4.88
C ILE A 141 -21.49 8.85 -5.01
N GLN A 142 -22.01 9.97 -5.53
CA GLN A 142 -21.25 11.20 -5.53
C GLN A 142 -20.74 11.55 -4.11
N GLN A 143 -21.61 11.38 -3.12
CA GLN A 143 -21.26 11.72 -1.72
C GLN A 143 -20.24 10.73 -1.18
N VAL A 144 -20.37 9.47 -1.57
CA VAL A 144 -19.42 8.44 -1.16
C VAL A 144 -18.05 8.73 -1.73
N PHE A 145 -18.00 9.08 -3.02
CA PHE A 145 -16.76 9.43 -3.63
C PHE A 145 -16.10 10.64 -2.95
N ASP A 146 -16.91 11.65 -2.61
CA ASP A 146 -16.36 12.80 -1.89
C ASP A 146 -15.78 12.41 -0.53
N ALA A 147 -16.50 11.57 0.20
CA ALA A 147 -16.03 11.09 1.51
C ALA A 147 -14.70 10.35 1.37
N MET A 148 -14.62 9.52 0.35
CA MET A 148 -13.38 8.78 0.10
C MET A 148 -12.18 9.69 -0.10
N GLY A 149 -12.40 10.84 -0.73
CA GLY A 149 -11.32 11.81 -0.95
C GLY A 149 -11.06 12.69 0.24
N ALA A 150 -12.12 13.13 0.91
CA ALA A 150 -12.00 14.08 2.01
C ALA A 150 -11.36 13.49 3.22
N ASN A 151 -11.76 12.24 3.54
CA ASN A 151 -11.23 11.55 4.73
C ASN A 151 -11.35 10.05 4.51
N TYR A 152 -10.35 9.51 3.81
CA TYR A 152 -10.39 8.06 3.46
C TYR A 152 -10.49 7.20 4.71
N SER A 153 -9.72 7.49 5.74
CA SER A 153 -9.70 6.70 6.94
C SER A 153 -11.06 6.64 7.62
N ALA A 154 -11.71 7.79 7.76
CA ALA A 154 -13.05 7.83 8.33
C ALA A 154 -14.06 7.04 7.49
N TRP A 155 -13.99 7.21 6.16
CA TRP A 155 -14.85 6.49 5.27
C TRP A 155 -14.69 4.98 5.46
N ALA A 156 -13.43 4.55 5.50
CA ALA A 156 -13.14 3.08 5.54
C ALA A 156 -13.63 2.50 6.88
N THR A 157 -13.43 3.24 7.96
CA THR A 157 -13.89 2.84 9.27
C THR A 157 -15.38 2.65 9.31
N GLY A 158 -16.10 3.52 8.65
CA GLY A 158 -17.57 3.42 8.56
C GLY A 158 -18.05 2.31 7.65
N TYR A 159 -17.32 2.07 6.54
CA TYR A 159 -17.79 1.17 5.52
C TYR A 159 -17.58 -0.29 5.92
N ALA A 160 -16.46 -0.58 6.56
CA ALA A 160 -16.10 -1.97 6.92
C ALA A 160 -17.20 -2.77 7.63
N PRO A 161 -17.81 -2.20 8.69
CA PRO A 161 -18.86 -2.94 9.34
C PRO A 161 -20.12 -3.11 8.50
N LEU A 162 -20.42 -2.16 7.62
CA LEU A 162 -21.58 -2.24 6.77
C LEU A 162 -21.39 -3.32 5.70
N ALA A 163 -20.18 -3.44 5.18
CA ALA A 163 -19.87 -4.44 4.17
C ALA A 163 -19.96 -5.86 4.78
N VAL A 164 -19.37 -6.06 5.96
CA VAL A 164 -19.45 -7.34 6.62
C VAL A 164 -20.87 -7.68 7.01
N GLY A 165 -21.63 -6.68 7.42
CA GLY A 165 -23.06 -6.84 7.66
C GLY A 165 -23.42 -7.47 8.99
N ALA A 166 -23.11 -8.74 9.11
CA ALA A 166 -23.26 -9.45 10.37
C ALA A 166 -22.30 -8.86 11.40
N ASP A 167 -22.67 -8.97 12.68
CA ASP A 167 -21.79 -8.52 13.76
C ASP A 167 -20.69 -9.55 14.05
N VAL A 168 -19.64 -9.54 13.23
CA VAL A 168 -18.54 -10.48 13.36
C VAL A 168 -17.29 -9.61 13.45
N PRO A 169 -16.95 -9.14 14.66
CA PRO A 169 -15.81 -8.24 14.85
C PRO A 169 -14.50 -8.67 14.17
N ALA A 170 -14.12 -9.93 14.25
CA ALA A 170 -12.87 -10.37 13.62
C ALA A 170 -12.89 -10.14 12.11
N ALA A 171 -14.05 -10.32 11.47
CA ALA A 171 -14.17 -10.09 10.03
C ALA A 171 -14.10 -8.61 9.71
N VAL A 172 -14.70 -7.77 10.55
CA VAL A 172 -14.63 -6.33 10.36
C VAL A 172 -13.16 -5.89 10.48
N GLN A 173 -12.47 -6.36 11.49
CA GLN A 173 -11.05 -6.03 11.67
C GLN A 173 -10.22 -6.43 10.47
N GLU A 174 -10.49 -7.61 9.95
CA GLU A 174 -9.75 -8.16 8.79
C GLU A 174 -10.01 -7.37 7.51
N PHE A 175 -11.27 -7.06 7.25
CA PHE A 175 -11.58 -6.28 6.08
C PHE A 175 -11.04 -4.86 6.22
N SER A 176 -11.13 -4.31 7.43
CA SER A 176 -10.54 -2.99 7.68
C SER A 176 -9.05 -2.98 7.41
N ARG A 177 -8.34 -4.03 7.84
CA ARG A 177 -6.90 -4.10 7.61
C ARG A 177 -6.57 -3.92 6.13
N THR A 178 -7.25 -4.65 5.27
CA THR A 178 -6.91 -4.60 3.85
C THR A 178 -7.46 -3.34 3.19
N LEU A 179 -8.56 -2.82 3.69
CA LEU A 179 -9.12 -1.63 3.12
C LEU A 179 -8.18 -0.45 3.42
N PHE A 180 -7.61 -0.42 4.63
CA PHE A 180 -6.68 0.65 5.02
C PHE A 180 -5.33 0.52 4.31
N ASN A 181 -5.08 -0.66 3.75
CA ASN A 181 -3.88 -0.96 3.02
C ASN A 181 -3.93 -0.44 1.57
N MET A 182 -5.12 -0.11 1.10
CA MET A 182 -5.28 0.35 -0.28
C MET A 182 -4.90 1.82 -0.32
N ARG A 183 -4.21 2.24 -1.37
CA ARG A 183 -3.95 3.65 -1.56
C ARG A 183 -5.27 4.37 -1.82
N PRO A 184 -5.51 5.53 -1.14
CA PRO A 184 -6.83 6.17 -1.24
C PRO A 184 -7.24 6.56 -2.66
N ASP A 185 -6.29 7.02 -3.46
CA ASP A 185 -6.58 7.38 -4.83
C ASP A 185 -6.93 6.18 -5.70
N ILE A 186 -6.24 5.06 -5.47
CA ILE A 186 -6.54 3.86 -6.19
C ILE A 186 -7.90 3.33 -5.79
N SER A 187 -8.20 3.33 -4.50
CA SER A 187 -9.53 2.91 -3.99
C SER A 187 -10.63 3.69 -4.66
N LEU A 188 -10.52 5.00 -4.68
CA LEU A 188 -11.54 5.81 -5.32
C LEU A 188 -11.69 5.50 -6.81
N HIS A 189 -10.57 5.35 -7.50
CA HIS A 189 -10.56 5.06 -8.93
C HIS A 189 -11.25 3.71 -9.23
N VAL A 190 -10.99 2.70 -8.42
CA VAL A 190 -11.63 1.40 -8.59
C VAL A 190 -13.14 1.53 -8.41
N CYS A 191 -13.55 2.26 -7.40
CA CYS A 191 -14.96 2.44 -7.13
C CYS A 191 -15.62 3.17 -8.27
N GLN A 192 -14.98 4.23 -8.75
CA GLN A 192 -15.52 4.94 -9.89
C GLN A 192 -15.67 4.06 -11.14
N THR A 193 -14.67 3.24 -11.40
CA THR A 193 -14.69 2.31 -12.51
C THR A 193 -15.84 1.30 -12.38
N VAL A 194 -16.01 0.73 -11.20
CA VAL A 194 -17.09 -0.24 -10.98
C VAL A 194 -18.45 0.40 -11.19
N PHE A 195 -18.64 1.60 -10.67
CA PHE A 195 -19.93 2.26 -10.79
C PHE A 195 -20.25 2.77 -12.17
N LYS A 196 -19.26 2.85 -13.04
CA LYS A 196 -19.48 3.14 -14.47
C LYS A 196 -19.73 1.91 -15.34
N THR A 197 -19.54 0.73 -14.78
CA THR A 197 -19.66 -0.52 -15.52
C THR A 197 -21.11 -1.02 -15.60
N ASP A 198 -21.52 -1.46 -16.79
CA ASP A 198 -22.86 -1.99 -16.96
C ASP A 198 -22.78 -3.22 -17.83
N LEU A 199 -22.84 -4.38 -17.19
CA LEU A 199 -22.73 -5.70 -17.86
C LEU A 199 -24.06 -6.26 -18.32
N ARG A 200 -25.16 -5.55 -18.11
CA ARG A 200 -26.45 -6.14 -18.43
C ARG A 200 -26.55 -6.71 -19.83
N GLY A 201 -26.06 -5.96 -20.80
CA GLY A 201 -26.22 -6.31 -22.19
C GLY A 201 -25.42 -7.55 -22.58
N VAL A 202 -24.33 -7.83 -21.86
CA VAL A 202 -23.48 -8.96 -22.26
C VAL A 202 -23.72 -10.24 -21.48
N LEU A 203 -24.65 -10.24 -20.52
CA LEU A 203 -24.88 -11.44 -19.71
C LEU A 203 -25.25 -12.66 -20.54
N GLY A 204 -26.03 -12.47 -21.59
CA GLY A 204 -26.38 -13.60 -22.44
C GLY A 204 -25.26 -14.22 -23.24
N MET A 205 -24.13 -13.55 -23.33
CA MET A 205 -22.93 -14.06 -24.01
C MET A 205 -22.13 -15.06 -23.16
N VAL A 206 -22.37 -15.08 -21.85
CA VAL A 206 -21.71 -16.07 -21.00
C VAL A 206 -22.23 -17.46 -21.39
N ARG A 207 -21.30 -18.37 -21.66
CA ARG A 207 -21.69 -19.75 -22.03
C ARG A 207 -21.48 -20.74 -20.87
N ALA A 208 -20.61 -20.38 -19.94
CA ALA A 208 -20.30 -21.26 -18.80
C ALA A 208 -21.51 -21.39 -17.85
N PRO A 209 -21.66 -22.59 -17.26
CA PRO A 209 -22.59 -22.69 -16.16
C PRO A 209 -22.15 -21.82 -14.99
N CYS A 210 -23.13 -21.33 -14.24
CA CYS A 210 -22.85 -20.27 -13.27
C CYS A 210 -23.61 -20.60 -11.99
N VAL A 211 -22.95 -20.47 -10.85
CA VAL A 211 -23.61 -20.48 -9.53
C VAL A 211 -23.52 -19.07 -8.97
N VAL A 212 -24.67 -18.44 -8.74
CA VAL A 212 -24.75 -17.13 -8.10
C VAL A 212 -25.00 -17.32 -6.60
N VAL A 213 -24.04 -16.92 -5.77
CA VAL A 213 -24.17 -17.08 -4.32
C VAL A 213 -24.83 -15.82 -3.74
N GLN A 214 -25.97 -16.02 -3.09
CA GLN A 214 -26.75 -14.91 -2.52
C GLN A 214 -26.81 -15.03 -1.02
N THR A 215 -26.43 -13.97 -0.34
CA THR A 215 -26.61 -13.96 1.12
C THR A 215 -27.96 -13.32 1.45
N THR A 216 -28.34 -13.34 2.72
CA THR A 216 -29.68 -12.84 3.08
C THR A 216 -29.83 -11.32 3.10
N ARG A 217 -28.72 -10.61 3.08
CA ARG A 217 -28.66 -9.19 2.89
C ARG A 217 -27.25 -8.77 2.55
N ASP A 218 -27.14 -8.03 1.47
CA ASP A 218 -25.88 -7.49 1.02
C ASP A 218 -26.09 -5.99 0.76
N VAL A 219 -25.34 -5.17 1.48
CA VAL A 219 -25.44 -3.71 1.37
C VAL A 219 -25.26 -3.21 -0.07
N SER A 220 -24.55 -3.95 -0.90
CA SER A 220 -24.30 -3.48 -2.26
C SER A 220 -25.07 -4.24 -3.34
N VAL A 221 -25.79 -5.29 -2.96
CA VAL A 221 -26.49 -6.12 -3.92
C VAL A 221 -27.92 -6.45 -3.46
N PRO A 222 -28.91 -5.73 -4.01
CA PRO A 222 -30.27 -6.07 -3.69
C PRO A 222 -30.62 -7.51 -4.03
N ALA A 223 -31.54 -8.07 -3.26
CA ALA A 223 -31.95 -9.45 -3.48
C ALA A 223 -32.42 -9.73 -4.92
N SER A 224 -33.06 -8.72 -5.52
CA SER A 224 -33.60 -8.86 -6.86
C SER A 224 -32.50 -9.00 -7.92
N VAL A 225 -31.26 -8.69 -7.56
CA VAL A 225 -30.18 -8.75 -8.55
C VAL A 225 -29.79 -10.17 -8.82
N ALA A 226 -29.77 -11.04 -7.80
CA ALA A 226 -29.50 -12.46 -8.04
C ALA A 226 -30.48 -13.07 -9.04
N ALA A 227 -31.78 -12.74 -8.91
CA ALA A 227 -32.79 -13.27 -9.77
C ALA A 227 -32.57 -12.72 -11.19
N TYR A 228 -32.17 -11.47 -11.29
CA TYR A 228 -31.85 -10.88 -12.59
C TYR A 228 -30.70 -11.65 -13.26
N LEU A 229 -29.62 -11.90 -12.51
CA LEU A 229 -28.50 -12.66 -13.07
C LEU A 229 -28.94 -14.06 -13.54
N LYS A 230 -29.77 -14.71 -12.74
CA LYS A 230 -30.27 -16.04 -13.10
C LYS A 230 -31.08 -15.97 -14.40
N ALA A 231 -31.86 -14.90 -14.56
CA ALA A 231 -32.75 -14.79 -15.73
C ALA A 231 -31.99 -14.43 -16.99
N HIS A 232 -30.85 -13.75 -16.87
CA HIS A 232 -30.16 -13.17 -18.02
C HIS A 232 -28.81 -13.81 -18.36
N LEU A 233 -28.13 -14.45 -17.41
CA LEU A 233 -26.88 -15.16 -17.73
C LEU A 233 -27.12 -16.26 -18.77
N GLY A 234 -26.21 -16.37 -19.73
CA GLY A 234 -26.46 -17.24 -20.85
C GLY A 234 -26.22 -18.72 -20.66
N GLY A 235 -25.56 -19.10 -19.57
CA GLY A 235 -25.32 -20.52 -19.29
C GLY A 235 -26.31 -21.05 -18.29
N ARG A 236 -26.19 -22.33 -17.93
CA ARG A 236 -27.08 -22.94 -16.96
C ARG A 236 -26.74 -22.33 -15.60
N THR A 237 -27.69 -21.61 -15.03
CA THR A 237 -27.43 -20.84 -13.82
C THR A 237 -28.36 -21.23 -12.70
N THR A 238 -27.79 -21.34 -11.51
CA THR A 238 -28.53 -21.54 -10.28
C THR A 238 -28.14 -20.47 -9.27
N VAL A 239 -29.05 -20.19 -8.35
CA VAL A 239 -28.80 -19.27 -7.25
C VAL A 239 -28.76 -20.10 -5.99
N GLU A 240 -27.65 -20.00 -5.25
CA GLU A 240 -27.45 -20.72 -4.02
C GLU A 240 -27.52 -19.71 -2.88
N PHE A 241 -28.40 -19.98 -1.93
CA PHE A 241 -28.63 -19.06 -0.82
C PHE A 241 -27.81 -19.48 0.41
N LEU A 242 -27.01 -18.57 0.93
CA LEU A 242 -26.38 -18.78 2.24
C LEU A 242 -27.36 -18.35 3.33
N GLN A 243 -27.32 -19.05 4.46
CA GLN A 243 -28.24 -18.79 5.58
C GLN A 243 -27.73 -17.70 6.50
N THR A 244 -26.97 -16.77 5.96
CA THR A 244 -26.54 -15.66 6.73
C THR A 244 -26.35 -14.44 5.84
N GLU A 245 -26.02 -13.30 6.43
CA GLU A 245 -25.96 -12.06 5.69
C GLU A 245 -24.52 -11.61 5.43
N GLY A 246 -24.38 -10.60 4.59
CA GLY A 246 -23.11 -9.95 4.36
C GLY A 246 -22.66 -9.90 2.93
N HIS A 247 -21.73 -9.00 2.67
CA HIS A 247 -21.11 -8.92 1.34
C HIS A 247 -19.83 -9.74 1.26
N LEU A 248 -19.29 -10.19 2.40
CA LEU A 248 -17.98 -10.88 2.43
C LEU A 248 -18.10 -12.19 3.20
N PRO A 249 -18.93 -13.11 2.68
CA PRO A 249 -19.10 -14.39 3.41
C PRO A 249 -17.84 -15.22 3.54
N HIS A 250 -16.85 -15.03 2.67
CA HIS A 250 -15.57 -15.72 2.82
C HIS A 250 -14.79 -15.28 4.06
N LEU A 251 -15.10 -14.07 4.57
CA LEU A 251 -14.52 -13.59 5.80
C LEU A 251 -15.43 -13.90 7.00
N SER A 252 -16.74 -13.73 6.83
CA SER A 252 -17.68 -13.76 7.96
C SER A 252 -18.32 -15.14 8.21
N ALA A 253 -18.39 -15.97 7.17
CA ALA A 253 -19.02 -17.29 7.27
C ALA A 253 -18.31 -18.31 6.38
N PRO A 254 -17.00 -18.45 6.54
CA PRO A 254 -16.21 -19.25 5.59
C PRO A 254 -16.61 -20.72 5.54
N SER A 255 -16.99 -21.31 6.68
CA SER A 255 -17.44 -22.70 6.65
C SER A 255 -18.71 -22.91 5.84
N LEU A 256 -19.66 -22.01 5.96
CA LEU A 256 -20.89 -22.09 5.21
C LEU A 256 -20.58 -21.89 3.73
N LEU A 257 -19.74 -20.90 3.42
CA LEU A 257 -19.44 -20.67 2.02
C LEU A 257 -18.72 -21.85 1.41
N ALA A 258 -17.82 -22.45 2.20
CA ALA A 258 -17.08 -23.63 1.73
C ALA A 258 -17.98 -24.77 1.30
N GLN A 259 -19.11 -24.95 1.95
CA GLN A 259 -20.10 -25.98 1.58
C GLN A 259 -20.57 -25.73 0.17
N VAL A 260 -20.88 -24.46 -0.13
CA VAL A 260 -21.39 -24.12 -1.45
C VAL A 260 -20.28 -24.32 -2.50
N LEU A 261 -19.08 -23.91 -2.16
CA LEU A 261 -17.96 -24.02 -3.11
C LEU A 261 -17.64 -25.47 -3.42
N ARG A 262 -17.60 -26.33 -2.40
CA ARG A 262 -17.36 -27.74 -2.69
C ARG A 262 -18.39 -28.35 -3.62
N ARG A 263 -19.66 -28.07 -3.39
CA ARG A 263 -20.72 -28.59 -4.21
C ARG A 263 -20.65 -28.00 -5.64
N ALA A 264 -20.41 -26.70 -5.73
CA ALA A 264 -20.37 -26.05 -7.07
C ALA A 264 -19.17 -26.47 -7.92
N LEU A 265 -18.07 -26.82 -7.28
CA LEU A 265 -16.84 -27.18 -7.96
C LEU A 265 -16.65 -28.68 -8.09
N ALA A 266 -17.69 -29.46 -7.83
CA ALA A 266 -17.57 -30.92 -7.86
C ALA A 266 -17.33 -31.45 -9.29
N ARG A 267 -18.11 -30.92 -10.23
CA ARG A 267 -18.02 -31.36 -11.64
C ARG A 267 -18.19 -30.17 -12.55
N TYR A 268 -17.28 -30.03 -13.51
CA TYR A 268 -17.44 -28.99 -14.50
C TYR A 268 -16.62 -29.27 -15.74
N PRO B 1 27.54 19.87 -7.99
CA PRO B 1 26.29 19.53 -7.29
C PRO B 1 25.27 20.67 -7.43
N SER B 2 25.13 21.15 -8.66
CA SER B 2 24.38 22.36 -8.95
C SER B 2 22.93 22.19 -8.55
N GLY B 3 22.35 23.21 -7.93
CA GLY B 3 20.93 23.16 -7.57
C GLY B 3 20.06 22.84 -8.78
N ALA B 4 20.35 23.52 -9.89
CA ALA B 4 19.60 23.28 -11.11
C ALA B 4 19.72 21.85 -11.60
N LYS B 5 20.96 21.36 -11.70
CA LYS B 5 21.21 20.02 -12.25
C LYS B 5 20.71 18.91 -11.30
N LEU B 6 20.72 19.24 -10.02
CA LEU B 6 20.26 18.38 -8.99
C LEU B 6 18.79 18.06 -9.18
N LEU B 7 17.98 18.96 -9.76
CA LEU B 7 16.57 18.65 -9.93
C LEU B 7 16.37 17.35 -10.71
N GLN B 8 17.22 17.13 -11.70
CA GLN B 8 17.15 15.88 -12.49
C GLN B 8 17.91 14.74 -11.85
N ILE B 9 19.12 15.00 -11.37
CA ILE B 9 19.95 13.96 -10.80
C ILE B 9 19.28 13.26 -9.62
N LEU B 10 18.59 14.05 -8.80
CA LEU B 10 17.92 13.53 -7.64
C LEU B 10 16.42 13.33 -7.85
N ASN B 11 15.99 13.31 -9.09
CA ASN B 11 14.65 12.88 -9.44
C ASN B 11 13.58 13.66 -8.71
N VAL B 12 13.72 14.98 -8.69
CA VAL B 12 12.76 15.81 -7.98
C VAL B 12 11.37 15.75 -8.65
N ARG B 13 10.35 15.62 -7.83
CA ARG B 13 8.96 15.62 -8.26
C ARG B 13 8.15 16.54 -7.40
N VAL B 14 7.20 17.23 -8.04
CA VAL B 14 6.31 18.12 -7.32
C VAL B 14 4.89 17.81 -7.70
N VAL B 15 4.08 17.51 -6.69
CA VAL B 15 2.71 17.03 -6.93
C VAL B 15 1.78 17.65 -5.93
N GLY B 16 0.51 17.70 -6.26
CA GLY B 16 -0.46 18.21 -5.31
C GLY B 16 -0.83 19.64 -5.59
N SER B 17 -1.64 20.22 -4.72
CA SER B 17 -2.04 21.61 -4.90
C SER B 17 -2.15 22.34 -3.59
N GLY B 18 -1.76 23.61 -3.60
CA GLY B 18 -1.96 24.48 -2.46
C GLY B 18 -0.75 25.34 -2.21
N GLU B 19 -0.95 26.45 -1.51
CA GLU B 19 0.17 27.28 -1.09
C GLU B 19 1.14 26.47 -0.20
N ARG B 20 0.58 25.65 0.68
CA ARG B 20 1.35 24.96 1.71
C ARG B 20 2.29 23.93 1.08
N VAL B 21 3.59 24.23 1.10
CA VAL B 21 4.60 23.34 0.54
C VAL B 21 5.13 22.43 1.62
N VAL B 22 5.17 21.13 1.30
CA VAL B 22 5.66 20.11 2.17
C VAL B 22 6.70 19.28 1.41
N VAL B 23 7.86 19.12 2.01
CA VAL B 23 8.92 18.29 1.46
C VAL B 23 8.96 16.94 2.16
N LEU B 24 9.04 15.87 1.40
CA LEU B 24 9.16 14.49 1.91
C LEU B 24 10.54 13.98 1.53
N SER B 25 11.32 13.65 2.54
CA SER B 25 12.71 13.23 2.42
C SER B 25 12.91 11.84 3.04
N HIS B 26 13.23 10.85 2.20
CA HIS B 26 13.28 9.47 2.64
C HIS B 26 14.56 9.12 3.43
N GLY B 27 14.55 7.92 4.00
CA GLY B 27 15.65 7.45 4.79
C GLY B 27 16.46 6.35 4.11
N PHE B 28 17.34 5.72 4.89
CA PHE B 28 18.21 4.74 4.41
C PHE B 28 17.49 3.54 3.84
N GLY B 29 17.96 3.06 2.72
CA GLY B 29 17.45 1.78 2.17
C GLY B 29 16.26 1.91 1.26
N THR B 30 15.78 3.14 1.12
CA THR B 30 14.60 3.41 0.31
C THR B 30 14.93 4.52 -0.70
N ASP B 31 13.92 4.84 -1.51
CA ASP B 31 13.94 6.04 -2.34
C ASP B 31 12.61 6.77 -2.15
N GLN B 32 12.29 7.74 -2.99
CA GLN B 32 11.10 8.50 -2.75
C GLN B 32 9.83 7.68 -2.88
N SER B 33 9.92 6.53 -3.56
CA SER B 33 8.75 5.66 -3.67
C SER B 33 8.25 5.16 -2.32
N ALA B 34 9.10 5.20 -1.29
CA ALA B 34 8.65 4.90 0.05
C ALA B 34 7.48 5.73 0.53
N TRP B 35 7.34 6.94 0.01
CA TRP B 35 6.25 7.82 0.34
C TRP B 35 4.98 7.58 -0.48
N SER B 36 4.98 6.62 -1.40
CA SER B 36 3.84 6.43 -2.32
C SER B 36 2.52 6.15 -1.63
N ARG B 37 2.56 5.35 -0.60
CA ARG B 37 1.34 4.99 0.13
C ARG B 37 0.74 6.13 0.98
N VAL B 38 1.56 7.02 1.51
CA VAL B 38 1.05 8.14 2.27
C VAL B 38 0.72 9.37 1.40
N LEU B 39 1.37 9.47 0.24
CA LEU B 39 1.30 10.68 -0.59
C LEU B 39 -0.14 11.14 -0.86
N PRO B 40 -1.03 10.22 -1.25
CA PRO B 40 -2.38 10.67 -1.61
C PRO B 40 -3.20 11.22 -0.45
N TYR B 41 -2.77 10.98 0.78
CA TYR B 41 -3.40 11.61 1.92
C TYR B 41 -3.07 13.11 2.05
N LEU B 42 -2.04 13.54 1.32
CA LEU B 42 -1.58 14.92 1.43
C LEU B 42 -1.84 15.79 0.19
N THR B 43 -1.99 15.20 -0.97
CA THR B 43 -1.94 15.97 -2.22
C THR B 43 -3.20 16.80 -2.52
N ARG B 44 -4.29 16.58 -1.77
CA ARG B 44 -5.51 17.37 -2.04
C ARG B 44 -5.32 18.79 -1.58
N ASP B 45 -4.54 18.98 -0.52
CA ASP B 45 -4.42 20.31 0.07
C ASP B 45 -2.99 20.73 0.44
N HIS B 46 -2.00 20.01 -0.08
CA HIS B 46 -0.61 20.39 0.06
C HIS B 46 0.09 20.28 -1.27
N ARG B 47 1.10 21.13 -1.46
CA ARG B 47 1.98 21.02 -2.59
C ARG B 47 3.19 20.22 -2.12
N VAL B 48 3.41 19.02 -2.65
CA VAL B 48 4.41 18.12 -2.08
C VAL B 48 5.63 18.00 -2.99
N VAL B 49 6.79 18.20 -2.40
CA VAL B 49 8.07 18.04 -3.10
C VAL B 49 8.71 16.77 -2.62
N LEU B 50 9.03 15.89 -3.56
CA LEU B 50 9.75 14.65 -3.28
C LEU B 50 11.06 14.63 -4.00
N TYR B 51 12.05 13.94 -3.43
CA TYR B 51 13.31 13.76 -4.13
C TYR B 51 14.04 12.53 -3.59
N ASP B 52 15.06 12.09 -4.32
CA ASP B 52 15.91 10.98 -3.86
C ASP B 52 17.20 11.51 -3.26
N LEU B 53 17.58 10.98 -2.11
CA LEU B 53 18.92 11.23 -1.60
C LEU B 53 19.89 10.67 -2.63
N VAL B 54 21.09 11.24 -2.67
CA VAL B 54 22.09 10.81 -3.65
C VAL B 54 22.46 9.32 -3.52
N CYS B 55 22.27 8.73 -2.36
CA CYS B 55 22.58 7.34 -2.10
C CYS B 55 21.53 6.36 -2.57
N ALA B 56 20.34 6.84 -2.97
CA ALA B 56 19.29 5.94 -3.41
C ALA B 56 19.69 5.16 -4.68
N GLY B 57 19.20 3.93 -4.80
CA GLY B 57 19.50 3.12 -5.97
C GLY B 57 18.92 3.66 -7.26
N SER B 58 17.92 4.50 -7.13
CA SER B 58 17.30 5.17 -8.26
C SER B 58 18.05 6.39 -8.75
N VAL B 59 19.17 6.75 -8.12
CA VAL B 59 20.05 7.79 -8.58
C VAL B 59 21.27 7.09 -9.19
N ASN B 60 21.76 7.64 -10.31
CA ASN B 60 22.93 7.05 -11.00
C ASN B 60 24.09 7.00 -9.98
N PRO B 61 24.63 5.78 -9.75
CA PRO B 61 25.69 5.64 -8.75
C PRO B 61 26.97 6.37 -9.11
N ASP B 62 27.13 6.69 -10.40
CA ASP B 62 28.26 7.50 -10.84
C ASP B 62 28.25 8.91 -10.27
N HIS B 63 27.11 9.39 -9.76
CA HIS B 63 27.08 10.68 -9.10
C HIS B 63 27.45 10.64 -7.63
N PHE B 64 27.64 9.43 -7.06
CA PHE B 64 27.95 9.37 -5.63
C PHE B 64 29.42 9.73 -5.39
N ASP B 65 29.63 10.80 -4.65
CA ASP B 65 30.94 11.30 -4.33
C ASP B 65 31.30 10.85 -2.92
N PHE B 66 32.20 9.86 -2.83
CA PHE B 66 32.56 9.28 -1.54
C PHE B 66 33.27 10.23 -0.60
N ARG B 67 33.85 11.30 -1.13
CA ARG B 67 34.47 12.30 -0.26
C ARG B 67 33.42 13.28 0.29
N ARG B 68 32.74 13.92 -0.63
CA ARG B 68 31.72 14.93 -0.30
C ARG B 68 30.67 14.40 0.69
N TYR B 69 30.15 13.21 0.44
CA TYR B 69 29.05 12.69 1.21
C TYR B 69 29.45 11.89 2.47
N ASP B 70 30.68 12.03 2.92
CA ASP B 70 31.06 11.41 4.16
C ASP B 70 30.70 12.22 5.39
N ASN B 71 29.91 13.28 5.16
CA ASN B 71 29.36 14.09 6.20
C ASN B 71 27.94 14.50 5.79
N LEU B 72 27.00 14.47 6.71
CA LEU B 72 25.63 14.88 6.39
C LEU B 72 25.49 16.28 5.87
N ASP B 73 26.45 17.14 6.13
CA ASP B 73 26.33 18.50 5.62
C ASP B 73 26.14 18.52 4.11
N ALA B 74 26.76 17.57 3.38
CA ALA B 74 26.62 17.51 1.93
C ALA B 74 25.22 17.17 1.48
N TYR B 75 24.55 16.33 2.24
CA TYR B 75 23.14 16.01 1.98
C TYR B 75 22.27 17.22 2.23
N VAL B 76 22.60 17.99 3.24
CA VAL B 76 21.87 19.22 3.53
C VAL B 76 22.06 20.19 2.34
N ASP B 77 23.29 20.30 1.83
CA ASP B 77 23.53 21.18 0.71
C ASP B 77 22.61 20.84 -0.46
N ASP B 78 22.44 19.55 -0.74
CA ASP B 78 21.60 19.15 -1.87
C ASP B 78 20.13 19.55 -1.63
N LEU B 79 19.62 19.28 -0.45
CA LEU B 79 18.26 19.66 -0.13
C LEU B 79 18.06 21.17 -0.31
N LEU B 80 18.94 21.97 0.28
CA LEU B 80 18.83 23.41 0.16
C LEU B 80 18.94 23.89 -1.27
N ALA B 81 19.82 23.28 -2.05
CA ALA B 81 19.95 23.64 -3.47
C ALA B 81 18.68 23.36 -4.26
N ILE B 82 18.03 22.25 -3.97
CA ILE B 82 16.75 21.91 -4.61
C ILE B 82 15.67 22.95 -4.27
N LEU B 83 15.55 23.28 -3.00
CA LEU B 83 14.52 24.22 -2.57
C LEU B 83 14.78 25.61 -3.15
N ASP B 84 16.04 26.00 -3.24
CA ASP B 84 16.36 27.31 -3.83
C ASP B 84 16.13 27.31 -5.33
N ALA B 85 16.41 26.19 -6.01
CA ALA B 85 16.18 26.11 -7.46
C ALA B 85 14.69 26.24 -7.76
N LEU B 86 13.88 25.60 -6.93
CA LEU B 86 12.41 25.61 -7.06
C LEU B 86 11.81 26.95 -6.60
N ARG B 87 12.64 27.83 -6.05
CA ARG B 87 12.18 29.13 -5.59
C ARG B 87 11.18 29.04 -4.46
N ILE B 88 11.41 28.12 -3.53
CA ILE B 88 10.55 27.91 -2.37
C ILE B 88 11.12 28.64 -1.18
N PRO B 89 10.41 29.67 -0.68
CA PRO B 89 10.94 30.47 0.41
C PRO B 89 10.61 29.89 1.79
N ARG B 90 9.61 29.03 1.86
CA ARG B 90 9.18 28.46 3.14
C ARG B 90 8.46 27.15 2.92
N CYS B 91 8.71 26.17 3.80
CA CYS B 91 8.06 24.86 3.70
C CYS B 91 7.98 24.15 5.04
N ALA B 92 7.18 23.11 5.07
CA ALA B 92 7.25 22.10 6.14
C ALA B 92 8.11 20.99 5.61
N PHE B 93 8.86 20.35 6.48
CA PHE B 93 9.76 19.28 6.08
C PHE B 93 9.47 18.04 6.88
N VAL B 94 9.30 16.91 6.18
CA VAL B 94 9.07 15.61 6.78
C VAL B 94 10.24 14.71 6.41
N GLY B 95 11.00 14.30 7.42
CA GLY B 95 12.17 13.47 7.20
C GLY B 95 12.14 12.17 7.94
N HIS B 96 12.50 11.11 7.27
CA HIS B 96 12.62 9.81 7.87
C HIS B 96 14.11 9.49 8.10
N SER B 97 14.39 9.11 9.36
CA SER B 97 15.62 8.48 9.79
C SER B 97 16.87 9.34 9.59
N VAL B 98 17.78 9.03 8.42
CA VAL B 98 18.90 9.95 8.04
C VAL B 98 18.35 11.29 7.65
N SER B 99 17.18 11.30 7.01
CA SER B 99 16.56 12.58 6.61
C SER B 99 16.06 13.42 7.76
N ALA B 100 15.76 12.80 8.89
CA ALA B 100 15.39 13.59 10.06
C ALA B 100 16.61 14.36 10.53
N MET B 101 17.77 13.73 10.45
CA MET B 101 19.06 14.39 10.80
C MET B 101 19.36 15.52 9.81
N ILE B 102 19.15 15.26 8.52
CA ILE B 102 19.33 16.28 7.46
C ILE B 102 18.41 17.45 7.72
N GLY B 103 17.15 17.19 8.09
CA GLY B 103 16.22 18.30 8.34
C GLY B 103 16.61 19.16 9.53
N ILE B 104 17.06 18.51 10.59
CA ILE B 104 17.60 19.23 11.76
C ILE B 104 18.73 20.17 11.30
N LEU B 105 19.69 19.64 10.57
CA LEU B 105 20.81 20.46 10.11
C LEU B 105 20.38 21.55 9.15
N ALA B 106 19.45 21.23 8.25
CA ALA B 106 19.01 22.19 7.28
C ALA B 106 18.27 23.36 7.98
N SER B 107 17.49 23.05 9.02
CA SER B 107 16.76 24.08 9.76
C SER B 107 17.68 25.03 10.51
N ILE B 108 18.86 24.57 10.87
CA ILE B 108 19.90 25.42 11.45
C ILE B 108 20.61 26.27 10.40
N ARG B 109 20.87 25.66 9.25
CA ARG B 109 21.54 26.36 8.16
C ARG B 109 20.70 27.52 7.61
N ARG B 110 19.40 27.24 7.50
CA ARG B 110 18.46 28.15 6.87
C ARG B 110 17.17 28.24 7.69
N PRO B 111 17.22 28.92 8.83
CA PRO B 111 16.08 28.95 9.77
C PRO B 111 14.80 29.53 9.20
N ASP B 112 14.89 30.48 8.27
CA ASP B 112 13.66 31.07 7.71
C ASP B 112 12.96 30.19 6.68
N LEU B 113 13.62 29.14 6.23
CA LEU B 113 13.11 28.29 5.20
C LEU B 113 12.16 27.20 5.73
N PHE B 114 12.34 26.80 6.98
CA PHE B 114 11.59 25.67 7.53
C PHE B 114 10.63 26.11 8.60
N ALA B 115 9.36 26.09 8.25
CA ALA B 115 8.28 26.46 9.17
C ALA B 115 7.95 25.37 10.18
N LYS B 116 8.24 24.12 9.85
CA LYS B 116 7.87 23.01 10.71
C LYS B 116 8.66 21.79 10.28
N LEU B 117 9.08 20.97 11.24
CA LEU B 117 9.79 19.72 10.98
C LEU B 117 8.98 18.57 11.53
N VAL B 118 8.80 17.53 10.74
CA VAL B 118 8.25 16.30 11.22
C VAL B 118 9.31 15.21 11.09
N LEU B 119 9.70 14.60 12.21
CA LEU B 119 10.83 13.71 12.26
C LEU B 119 10.34 12.31 12.57
N ILE B 120 10.61 11.38 11.68
CA ILE B 120 10.13 10.00 11.76
C ILE B 120 11.30 9.05 11.87
N GLY B 121 11.25 8.12 12.83
CA GLY B 121 12.37 7.20 13.04
C GLY B 121 13.68 7.93 13.31
N ALA B 122 13.62 8.95 14.17
CA ALA B 122 14.68 9.95 14.26
C ALA B 122 15.55 9.78 15.51
N SER B 123 16.85 10.03 15.31
CA SER B 123 17.79 10.00 16.42
C SER B 123 18.91 10.96 16.18
N PRO B 124 19.37 11.64 17.24
CA PRO B 124 20.50 12.56 17.08
C PRO B 124 21.85 11.86 17.20
N ARG B 125 21.85 10.60 17.61
CA ARG B 125 23.07 9.85 17.83
C ARG B 125 22.73 8.41 18.14
N PHE B 126 23.32 7.48 17.40
CA PHE B 126 23.00 6.06 17.55
C PHE B 126 23.87 5.40 18.59
N LEU B 127 25.08 5.91 18.76
CA LEU B 127 26.06 5.33 19.67
C LEU B 127 25.73 5.76 21.11
N ASN B 128 25.83 4.80 22.02
CA ASN B 128 25.66 5.08 23.43
C ASN B 128 26.75 6.03 23.93
N ASP B 129 26.42 6.80 24.97
CA ASP B 129 27.40 7.62 25.69
C ASP B 129 27.05 7.48 27.16
N SER B 130 27.74 8.19 28.06
CA SER B 130 27.61 7.98 29.51
C SER B 130 26.16 7.68 29.98
N ASP B 131 25.31 8.70 30.02
CA ASP B 131 23.90 8.54 30.40
C ASP B 131 22.99 8.56 29.17
N TYR B 132 23.57 8.58 27.98
CA TYR B 132 22.81 8.68 26.74
C TYR B 132 22.60 7.31 26.11
N HIS B 133 21.35 6.91 25.91
CA HIS B 133 21.06 5.62 25.31
C HIS B 133 20.66 5.73 23.81
N GLY B 134 21.64 5.58 22.92
CA GLY B 134 21.38 5.64 21.47
C GLY B 134 20.95 4.31 20.88
N GLY B 135 21.30 3.24 21.60
CA GLY B 135 20.93 1.92 21.23
C GLY B 135 22.06 1.03 20.73
N PHE B 136 23.25 1.60 20.55
CA PHE B 136 24.35 0.85 19.98
C PHE B 136 25.71 1.14 20.61
N GLU B 137 26.49 0.10 20.79
CA GLU B 137 27.88 0.22 21.20
C GLU B 137 28.77 0.25 19.96
N LEU B 138 29.99 0.75 20.14
CA LEU B 138 30.94 0.82 19.03
C LEU B 138 31.12 -0.56 18.36
N GLU B 139 31.27 -1.59 19.17
CA GLU B 139 31.49 -2.91 18.63
C GLU B 139 30.27 -3.45 17.88
N GLU B 140 29.06 -3.04 18.28
CA GLU B 140 27.86 -3.45 17.56
C GLU B 140 27.80 -2.82 16.17
N ILE B 141 28.16 -1.54 16.13
CA ILE B 141 28.18 -0.79 14.86
C ILE B 141 29.20 -1.43 13.93
N GLN B 142 30.38 -1.79 14.45
CA GLN B 142 31.41 -2.42 13.62
C GLN B 142 30.96 -3.76 13.04
N GLN B 143 30.19 -4.52 13.82
CA GLN B 143 29.67 -5.78 13.30
C GLN B 143 28.66 -5.61 12.18
N VAL B 144 27.88 -4.53 12.22
CA VAL B 144 26.98 -4.22 11.10
C VAL B 144 27.81 -3.98 9.86
N PHE B 145 28.82 -3.14 9.98
CA PHE B 145 29.69 -2.83 8.84
C PHE B 145 30.32 -4.09 8.26
N ASP B 146 30.73 -5.01 9.12
CA ASP B 146 31.34 -6.26 8.68
C ASP B 146 30.37 -7.14 7.87
N ALA B 147 29.16 -7.34 8.39
CA ALA B 147 28.13 -8.07 7.68
C ALA B 147 27.81 -7.41 6.32
N MET B 148 27.67 -6.09 6.30
CA MET B 148 27.33 -5.39 5.06
C MET B 148 28.40 -5.56 3.99
N GLY B 149 29.66 -5.56 4.41
CA GLY B 149 30.77 -5.74 3.49
C GLY B 149 31.00 -7.20 3.07
N ALA B 150 30.67 -8.14 3.96
CA ALA B 150 30.87 -9.58 3.73
C ALA B 150 29.83 -10.22 2.84
N ASN B 151 28.55 -9.97 3.15
CA ASN B 151 27.43 -10.54 2.39
C ASN B 151 26.27 -9.56 2.40
N TYR B 152 26.28 -8.61 1.47
CA TYR B 152 25.26 -7.56 1.51
C TYR B 152 23.86 -8.16 1.36
N SER B 153 23.75 -9.17 0.48
CA SER B 153 22.49 -9.90 0.24
C SER B 153 21.91 -10.50 1.50
N ALA B 154 22.74 -11.22 2.25
CA ALA B 154 22.28 -11.87 3.49
C ALA B 154 21.94 -10.80 4.53
N TRP B 155 22.82 -9.80 4.65
CA TRP B 155 22.59 -8.70 5.60
C TRP B 155 21.23 -8.01 5.31
N ALA B 156 21.02 -7.68 4.04
CA ALA B 156 19.79 -6.98 3.62
C ALA B 156 18.56 -7.86 3.81
N THR B 157 18.67 -9.14 3.48
CA THR B 157 17.60 -10.13 3.74
C THR B 157 17.20 -10.18 5.21
N GLY B 158 18.17 -10.13 6.11
CA GLY B 158 17.86 -10.10 7.53
C GLY B 158 17.36 -8.76 8.03
N TYR B 159 17.91 -7.68 7.47
CA TYR B 159 17.61 -6.37 7.98
C TYR B 159 16.19 -5.94 7.61
N ALA B 160 15.76 -6.27 6.41
CA ALA B 160 14.47 -5.82 5.91
C ALA B 160 13.30 -6.10 6.85
N PRO B 161 13.12 -7.37 7.28
CA PRO B 161 12.04 -7.64 8.21
C PRO B 161 12.24 -7.02 9.57
N LEU B 162 13.48 -6.89 10.03
CA LEU B 162 13.72 -6.23 11.29
C LEU B 162 13.32 -4.74 11.27
N ALA B 163 13.67 -4.05 10.21
CA ALA B 163 13.39 -2.64 10.02
C ALA B 163 11.89 -2.43 9.94
N VAL B 164 11.20 -3.25 9.16
CA VAL B 164 9.75 -3.14 9.05
C VAL B 164 9.04 -3.47 10.37
N GLY B 165 9.54 -4.47 11.08
CA GLY B 165 9.14 -4.69 12.46
C GLY B 165 7.85 -5.47 12.51
N ALA B 166 6.77 -4.81 12.11
CA ALA B 166 5.45 -5.45 12.06
C ALA B 166 5.34 -6.49 10.94
N ASP B 167 4.39 -7.41 11.10
CA ASP B 167 4.16 -8.46 10.09
C ASP B 167 3.33 -7.92 8.91
N VAL B 168 4.01 -7.25 7.99
CA VAL B 168 3.37 -6.61 6.84
C VAL B 168 4.21 -6.97 5.62
N PRO B 169 3.90 -8.12 4.98
CA PRO B 169 4.66 -8.64 3.86
C PRO B 169 4.97 -7.68 2.70
N ALA B 170 4.01 -6.86 2.30
CA ALA B 170 4.25 -5.98 1.16
C ALA B 170 5.28 -4.91 1.55
N ALA B 171 5.29 -4.49 2.83
CA ALA B 171 6.29 -3.51 3.31
C ALA B 171 7.66 -4.12 3.37
N VAL B 172 7.76 -5.37 3.85
CA VAL B 172 9.05 -6.06 3.80
C VAL B 172 9.56 -6.21 2.35
N GLN B 173 8.68 -6.60 1.44
CA GLN B 173 9.06 -6.76 0.05
C GLN B 173 9.48 -5.42 -0.59
N GLU B 174 8.70 -4.38 -0.32
CA GLU B 174 9.01 -3.06 -0.86
C GLU B 174 10.32 -2.48 -0.34
N PHE B 175 10.57 -2.62 0.95
CA PHE B 175 11.82 -2.11 1.52
C PHE B 175 12.98 -2.93 1.01
N SER B 176 12.76 -4.24 0.95
CA SER B 176 13.76 -5.12 0.40
C SER B 176 14.18 -4.74 -1.02
N ARG B 177 13.20 -4.47 -1.87
CA ARG B 177 13.47 -4.06 -3.25
C ARG B 177 14.42 -2.85 -3.33
N THR B 178 14.10 -1.82 -2.57
CA THR B 178 14.93 -0.62 -2.65
C THR B 178 16.26 -0.80 -1.95
N LEU B 179 16.29 -1.63 -0.91
CA LEU B 179 17.54 -1.91 -0.21
C LEU B 179 18.48 -2.68 -1.14
N PHE B 180 17.94 -3.62 -1.89
CA PHE B 180 18.72 -4.36 -2.87
C PHE B 180 19.08 -3.53 -4.09
N ASN B 181 18.36 -2.46 -4.32
CA ASN B 181 18.65 -1.55 -5.43
C ASN B 181 19.86 -0.62 -5.20
N MET B 182 20.22 -0.42 -3.94
CA MET B 182 21.36 0.37 -3.55
C MET B 182 22.61 -0.42 -3.87
N ARG B 183 23.63 0.28 -4.32
CA ARG B 183 24.90 -0.37 -4.55
C ARG B 183 25.50 -0.68 -3.17
N PRO B 184 25.97 -1.93 -2.97
CA PRO B 184 26.44 -2.28 -1.63
C PRO B 184 27.48 -1.38 -0.99
N ASP B 185 28.43 -0.87 -1.78
CA ASP B 185 29.44 0.00 -1.23
C ASP B 185 28.88 1.35 -0.80
N ILE B 186 27.94 1.86 -1.57
CA ILE B 186 27.26 3.11 -1.21
C ILE B 186 26.45 2.93 0.07
N SER B 187 25.71 1.83 0.17
CA SER B 187 24.93 1.51 1.37
C SER B 187 25.80 1.51 2.62
N LEU B 188 26.92 0.81 2.56
CA LEU B 188 27.84 0.75 3.69
C LEU B 188 28.38 2.15 4.04
N HIS B 189 28.70 2.94 3.01
CA HIS B 189 29.22 4.26 3.24
C HIS B 189 28.20 5.18 3.92
N VAL B 190 26.95 5.12 3.49
CA VAL B 190 25.92 5.93 4.16
C VAL B 190 25.76 5.49 5.61
N CYS B 191 25.80 4.19 5.84
CA CYS B 191 25.66 3.69 7.20
C CYS B 191 26.79 4.15 8.10
N GLN B 192 28.01 4.10 7.58
CA GLN B 192 29.15 4.61 8.32
C GLN B 192 29.00 6.10 8.66
N THR B 193 28.53 6.88 7.68
CA THR B 193 28.35 8.29 7.85
C THR B 193 27.32 8.58 8.94
N VAL B 194 26.21 7.87 8.90
CA VAL B 194 25.14 8.14 9.86
C VAL B 194 25.57 7.75 11.28
N PHE B 195 26.26 6.62 11.39
CA PHE B 195 26.74 6.15 12.72
C PHE B 195 27.83 7.01 13.34
N LYS B 196 28.51 7.82 12.55
CA LYS B 196 29.52 8.73 13.10
C LYS B 196 28.96 10.14 13.36
N THR B 197 27.67 10.32 13.08
CA THR B 197 27.02 11.61 13.27
C THR B 197 26.53 11.77 14.72
N ASP B 198 26.78 12.94 15.28
CA ASP B 198 26.28 13.28 16.63
C ASP B 198 25.73 14.70 16.61
N LEU B 199 24.41 14.83 16.59
CA LEU B 199 23.73 16.12 16.56
C LEU B 199 23.29 16.64 17.92
N ARG B 200 23.63 15.94 18.99
CA ARG B 200 23.13 16.33 20.31
C ARG B 200 23.45 17.78 20.65
N GLY B 201 24.65 18.20 20.30
CA GLY B 201 25.11 19.53 20.56
C GLY B 201 24.46 20.67 19.81
N VAL B 202 23.73 20.36 18.75
CA VAL B 202 23.11 21.39 17.93
C VAL B 202 21.59 21.37 17.97
N LEU B 203 21.01 20.43 18.70
CA LEU B 203 19.56 20.34 18.77
C LEU B 203 18.94 21.67 19.24
N GLY B 204 19.58 22.30 20.24
CA GLY B 204 19.07 23.55 20.78
C GLY B 204 19.08 24.71 19.78
N MET B 205 19.76 24.56 18.64
CA MET B 205 19.84 25.60 17.65
C MET B 205 18.68 25.56 16.65
N VAL B 206 17.90 24.47 16.67
CA VAL B 206 16.70 24.39 15.83
C VAL B 206 15.67 25.38 16.36
N ARG B 207 15.05 26.15 15.47
CA ARG B 207 14.06 27.16 15.88
C ARG B 207 12.66 26.76 15.51
N ALA B 208 12.55 25.90 14.48
CA ALA B 208 11.25 25.49 13.96
C ALA B 208 10.49 24.62 14.95
N PRO B 209 9.16 24.76 15.01
CA PRO B 209 8.40 23.80 15.78
C PRO B 209 8.55 22.40 15.17
N CYS B 210 8.54 21.37 16.01
CA CYS B 210 8.83 20.01 15.57
C CYS B 210 7.80 19.03 16.08
N VAL B 211 7.56 17.99 15.29
CA VAL B 211 6.76 16.86 15.68
C VAL B 211 7.63 15.62 15.53
N VAL B 212 7.84 14.90 16.61
CA VAL B 212 8.60 13.69 16.58
C VAL B 212 7.63 12.52 16.57
N VAL B 213 7.72 11.67 15.55
CA VAL B 213 6.83 10.54 15.43
C VAL B 213 7.51 9.27 15.94
N GLN B 214 6.83 8.62 16.89
CA GLN B 214 7.37 7.45 17.59
C GLN B 214 6.42 6.27 17.45
N THR B 215 7.00 5.12 17.11
CA THR B 215 6.28 3.86 17.04
C THR B 215 6.48 3.12 18.36
N THR B 216 5.84 1.96 18.48
CA THR B 216 5.90 1.17 19.73
C THR B 216 7.26 0.51 19.91
N ARG B 217 7.95 0.26 18.80
CA ARG B 217 9.24 -0.39 18.80
C ARG B 217 10.00 -0.13 17.49
N ASP B 218 11.23 0.34 17.62
CA ASP B 218 12.08 0.68 16.46
C ASP B 218 13.46 0.08 16.64
N VAL B 219 13.83 -0.82 15.73
CA VAL B 219 15.13 -1.54 15.80
C VAL B 219 16.35 -0.62 15.91
N SER B 220 16.27 0.61 15.39
CA SER B 220 17.44 1.48 15.44
C SER B 220 17.25 2.69 16.36
N VAL B 221 16.08 2.85 16.97
CA VAL B 221 15.79 4.01 17.80
C VAL B 221 15.10 3.59 19.12
N PRO B 222 15.86 3.60 20.23
CA PRO B 222 15.23 3.30 21.55
C PRO B 222 14.04 4.22 21.85
N ALA B 223 13.09 3.69 22.62
CA ALA B 223 11.91 4.46 23.00
C ALA B 223 12.24 5.78 23.67
N SER B 224 13.33 5.83 24.44
CA SER B 224 13.77 7.03 25.14
C SER B 224 14.33 8.20 24.27
N VAL B 225 14.72 7.92 23.03
CA VAL B 225 15.27 9.00 22.16
C VAL B 225 14.24 10.09 21.85
N ALA B 226 12.96 9.71 21.68
CA ALA B 226 11.95 10.71 21.39
C ALA B 226 11.86 11.77 22.49
N ALA B 227 11.83 11.28 23.74
CA ALA B 227 11.85 12.13 24.94
C ALA B 227 13.12 13.04 24.99
N TYR B 228 14.25 12.47 24.62
CA TYR B 228 15.49 13.21 24.53
C TYR B 228 15.41 14.35 23.50
N LEU B 229 14.86 14.06 22.32
CA LEU B 229 14.69 15.10 21.31
C LEU B 229 13.79 16.22 21.77
N LYS B 230 12.65 15.87 22.33
CA LYS B 230 11.70 16.85 22.84
C LYS B 230 12.37 17.72 23.90
N ALA B 231 13.19 17.09 24.73
CA ALA B 231 13.91 17.81 25.81
C ALA B 231 14.95 18.83 25.29
N HIS B 232 15.55 18.54 24.13
CA HIS B 232 16.68 19.33 23.67
C HIS B 232 16.46 20.17 22.41
N LEU B 233 15.45 19.85 21.64
CA LEU B 233 15.18 20.66 20.47
C LEU B 233 14.83 22.08 20.86
N GLY B 234 15.34 23.04 20.09
CA GLY B 234 15.15 24.43 20.40
C GLY B 234 13.76 24.99 20.18
N GLY B 235 12.98 24.40 19.28
CA GLY B 235 11.62 24.89 18.99
C GLY B 235 10.62 24.12 19.82
N ARG B 236 9.35 24.54 19.78
CA ARG B 236 8.30 23.78 20.46
C ARG B 236 8.15 22.40 19.83
N THR B 237 8.21 21.36 20.65
CA THR B 237 8.22 19.98 20.15
C THR B 237 7.13 19.16 20.80
N THR B 238 6.40 18.40 19.97
CA THR B 238 5.42 17.42 20.42
C THR B 238 5.79 16.02 19.90
N VAL B 239 5.68 15.01 20.75
CA VAL B 239 5.85 13.63 20.34
C VAL B 239 4.49 13.01 20.02
N GLU B 240 4.37 12.47 18.80
CA GLU B 240 3.16 11.79 18.35
C GLU B 240 3.41 10.29 18.32
N PHE B 241 2.46 9.52 18.88
CA PHE B 241 2.63 8.07 19.06
C PHE B 241 1.78 7.28 18.11
N LEU B 242 2.42 6.37 17.37
CA LEU B 242 1.70 5.52 16.45
C LEU B 242 1.58 4.16 17.09
N GLN B 243 0.35 3.64 17.10
CA GLN B 243 0.06 2.35 17.69
C GLN B 243 0.44 1.25 16.71
N THR B 244 1.74 1.18 16.39
CA THR B 244 2.25 0.24 15.43
C THR B 244 3.74 0.02 15.71
N GLU B 245 4.27 -1.10 15.25
CA GLU B 245 5.69 -1.39 15.45
C GLU B 245 6.48 -1.11 14.17
N GLY B 246 7.73 -0.68 14.33
CA GLY B 246 8.64 -0.64 13.19
C GLY B 246 9.29 0.68 12.95
N HIS B 247 10.30 0.65 12.09
CA HIS B 247 11.11 1.81 11.76
C HIS B 247 10.57 2.56 10.53
N LEU B 248 9.66 1.93 9.80
CA LEU B 248 9.20 2.49 8.52
C LEU B 248 7.66 2.61 8.44
N PRO B 249 7.07 3.38 9.35
CA PRO B 249 5.61 3.42 9.39
C PRO B 249 4.98 3.99 8.12
N HIS B 250 5.75 4.75 7.33
CA HIS B 250 5.22 5.16 6.01
C HIS B 250 4.95 4.02 5.03
N LEU B 251 5.71 2.93 5.16
CA LEU B 251 5.49 1.75 4.38
C LEU B 251 4.51 0.79 5.02
N SER B 252 4.61 0.63 6.33
CA SER B 252 3.86 -0.44 7.01
C SER B 252 2.54 0.04 7.62
N ALA B 253 2.42 1.33 7.91
CA ALA B 253 1.19 1.89 8.51
C ALA B 253 0.86 3.27 7.94
N PRO B 254 0.70 3.35 6.61
CA PRO B 254 0.53 4.66 5.97
C PRO B 254 -0.72 5.41 6.44
N SER B 255 -1.80 4.69 6.69
CA SER B 255 -3.03 5.35 7.13
C SER B 255 -2.86 6.00 8.50
N LEU B 256 -2.20 5.31 9.42
CA LEU B 256 -1.95 5.86 10.75
C LEU B 256 -1.00 7.04 10.70
N LEU B 257 0.09 6.89 9.95
CA LEU B 257 1.02 8.00 9.81
C LEU B 257 0.37 9.21 9.18
N ALA B 258 -0.42 8.97 8.13
CA ALA B 258 -1.12 10.08 7.46
C ALA B 258 -1.96 10.93 8.39
N GLN B 259 -2.57 10.31 9.42
CA GLN B 259 -3.38 11.08 10.38
C GLN B 259 -2.50 12.04 11.16
N VAL B 260 -1.35 11.55 11.58
CA VAL B 260 -0.39 12.39 12.30
C VAL B 260 0.12 13.51 11.40
N LEU B 261 0.50 13.17 10.16
CA LEU B 261 1.01 14.19 9.23
C LEU B 261 -0.02 15.28 8.94
N ARG B 262 -1.27 14.87 8.70
CA ARG B 262 -2.29 15.87 8.36
C ARG B 262 -2.51 16.84 9.53
N ARG B 263 -2.49 16.30 10.74
CA ARG B 263 -2.59 17.15 11.94
C ARG B 263 -1.41 18.08 12.10
N ALA B 264 -0.21 17.55 11.89
CA ALA B 264 1.01 18.37 12.03
C ALA B 264 1.09 19.49 10.98
N LEU B 265 0.57 19.21 9.80
CA LEU B 265 0.68 20.12 8.67
C LEU B 265 -0.53 21.05 8.53
N ALA B 266 -1.51 20.90 9.42
CA ALA B 266 -2.75 21.69 9.35
C ALA B 266 -2.48 23.18 9.49
N ARG B 267 -1.50 23.55 10.33
CA ARG B 267 -1.06 24.93 10.39
C ARG B 267 0.38 25.05 10.91
N TYR B 268 1.23 25.67 10.10
CA TYR B 268 2.61 25.95 10.49
C TYR B 268 3.01 27.38 10.12
C1 OPL C . -16.96 -5.13 -4.84
O1 OPL C . -15.71 -5.28 -5.58
C2 OPL C . -18.02 -4.34 -5.51
O2 OPL C . -16.87 -4.85 -3.44
C3 OPL C . -18.64 -3.39 -4.87
O3 OPL C . -16.93 -1.80 -5.55
C4 OPL C . -18.08 -2.02 -4.99
O4 OPL C . -18.38 -3.77 -3.61
C5 OPL C . -17.72 -3.86 -6.93
C1 OPL D . 17.84 5.59 8.76
O1 OPL D . 18.12 6.30 7.60
C2 OPL D . 18.92 5.54 9.75
O2 OPL D . 17.13 4.38 8.61
C3 OPL D . 19.30 4.21 10.24
O3 OPL D . 21.33 4.19 8.94
C4 OPL D . 20.60 3.67 9.85
O4 OPL D . 18.23 3.21 9.77
C5 OPL D . 20.02 6.56 9.56
#